data_5V0R
#
_entry.id   5V0R
#
_cell.length_a   52.360
_cell.length_b   85.240
_cell.length_c   33.850
_cell.angle_alpha   90.000
_cell.angle_beta   90.000
_cell.angle_gamma   90.000
#
_symmetry.space_group_name_H-M   'P 21 21 2'
#
loop_
_entity.id
_entity.type
_entity.pdbx_description
1 polymer 'Ubiquitin-conjugating enzyme'
2 non-polymer 'MAGNESIUM ION'
3 non-polymer 'CHLORIDE ION'
4 water water
#
_entity_poly.entity_id   1
_entity_poly.type   'polypeptide(L)'
_entity_poly.pdbx_seq_one_letter_code
;MAHHHHHHMLNNNQNNKKMSSSSKLRLLSDLQQLQKDPPEGITASPESENDLYVWNATITGPMDSIWEGGIFFLRLTFPE
DYPTKPPKVKFTSKIFHPNVYKDGSI(CSA)LDIVQDKWSPIYTVDSILTSILSLLEDPNPDSPANPEAAKLFVNDPKEY
KKRVRKCVESLME
;
_entity_poly.pdbx_strand_id   A
#
loop_
_chem_comp.id
_chem_comp.type
_chem_comp.name
_chem_comp.formula
CL non-polymer 'CHLORIDE ION' 'Cl -1'
MG non-polymer 'MAGNESIUM ION' 'Mg 2'
#
# COMPACT_ATOMS: atom_id res chain seq x y z
N LYS A 18 26.56 -7.32 1.77
CA LYS A 18 26.98 -5.97 1.40
C LYS A 18 25.77 -5.13 1.01
N MET A 19 25.29 -5.35 -0.22
CA MET A 19 24.01 -4.80 -0.61
C MET A 19 22.90 -5.30 0.31
N SER A 20 22.90 -6.61 0.60
CA SER A 20 21.89 -7.17 1.48
C SER A 20 22.14 -6.88 2.96
N SER A 21 23.39 -6.60 3.36
CA SER A 21 23.60 -6.17 4.73
C SER A 21 23.00 -4.78 4.97
N SER A 22 23.21 -3.85 4.04
N SER A 22 23.24 -3.86 4.04
CA SER A 22 22.68 -2.50 4.23
CA SER A 22 22.69 -2.51 4.18
C SER A 22 21.16 -2.47 4.12
C SER A 22 21.17 -2.54 4.17
N SER A 23 20.57 -3.34 3.28
CA SER A 23 19.11 -3.38 3.20
C SER A 23 18.50 -4.00 4.44
N LYS A 24 19.16 -5.02 5.03
CA LYS A 24 18.65 -5.57 6.29
C LYS A 24 18.71 -4.54 7.40
N LEU A 25 19.84 -3.82 7.51
CA LEU A 25 19.94 -2.79 8.53
C LEU A 25 18.88 -1.73 8.35
N ARG A 26 18.59 -1.35 7.09
CA ARG A 26 17.60 -0.31 6.87
C ARG A 26 16.20 -0.82 7.22
N LEU A 27 15.89 -2.07 6.90
CA LEU A 27 14.58 -2.59 7.28
C LEU A 27 14.44 -2.66 8.80
N LEU A 28 15.52 -3.00 9.51
CA LEU A 28 15.45 -3.00 10.97
C LEU A 28 15.29 -1.58 11.50
N SER A 29 15.91 -0.61 10.84
CA SER A 29 15.71 0.79 11.24
C SER A 29 14.28 1.23 11.00
N ASP A 30 13.70 0.84 9.86
CA ASP A 30 12.31 1.15 9.59
C ASP A 30 11.39 0.49 10.63
N LEU A 31 11.72 -0.74 11.02
CA LEU A 31 10.94 -1.45 12.04
C LEU A 31 11.01 -0.71 13.37
N GLN A 32 12.21 -0.22 13.73
CA GLN A 32 12.35 0.56 14.96
C GLN A 32 11.49 1.80 14.93
N GLN A 33 11.44 2.50 13.79
CA GLN A 33 10.59 3.69 13.67
C GLN A 33 9.13 3.33 13.91
N LEU A 34 8.66 2.24 13.29
CA LEU A 34 7.26 1.86 13.40
C LEU A 34 6.89 1.51 14.83
N GLN A 35 7.72 0.71 15.52
CA GLN A 35 7.37 0.31 16.87
C GLN A 35 7.39 1.49 17.83
N LYS A 36 8.24 2.48 17.58
CA LYS A 36 8.32 3.62 18.50
C LYS A 36 7.11 4.54 18.36
N ASP A 37 6.63 4.73 17.13
CA ASP A 37 5.48 5.60 16.84
C ASP A 37 4.59 4.93 15.81
N PRO A 38 3.83 3.91 16.20
CA PRO A 38 3.03 3.18 15.22
C PRO A 38 1.94 4.06 14.64
N PRO A 39 1.78 4.05 13.31
CA PRO A 39 0.75 4.89 12.68
C PRO A 39 -0.63 4.27 12.81
N GLU A 40 -1.63 5.13 13.04
CA GLU A 40 -3.00 4.68 13.15
C GLU A 40 -3.55 4.28 11.80
N GLY A 41 -4.51 3.35 11.81
CA GLY A 41 -5.15 2.86 10.61
C GLY A 41 -4.42 1.72 9.92
N ILE A 42 -3.28 1.28 10.47
CA ILE A 42 -2.34 0.42 9.78
C ILE A 42 -1.87 -0.65 10.75
N THR A 43 -1.72 -1.87 10.24
CA THR A 43 -0.89 -2.88 10.89
C THR A 43 0.16 -3.34 9.88
N ALA A 44 1.32 -3.77 10.35
CA ALA A 44 2.38 -4.19 9.45
C ALA A 44 3.47 -4.92 10.20
N SER A 45 3.94 -6.03 9.64
CA SER A 45 5.04 -6.75 10.27
C SER A 45 5.69 -7.69 9.27
N PRO A 46 7.02 -7.86 9.32
CA PRO A 46 7.68 -8.81 8.44
C PRO A 46 7.28 -10.25 8.75
N GLU A 47 7.44 -11.10 7.74
CA GLU A 47 7.14 -12.52 7.90
C GLU A 47 7.99 -13.13 9.01
N SER A 48 9.26 -12.77 9.05
CA SER A 48 10.22 -13.29 10.01
C SER A 48 11.55 -12.57 9.79
N GLU A 49 12.53 -12.84 10.63
CA GLU A 49 13.85 -12.27 10.41
C GLU A 49 14.50 -12.86 9.17
N ASN A 50 14.38 -14.18 8.99
CA ASN A 50 14.92 -14.80 7.78
C ASN A 50 14.22 -14.29 6.52
N ASP A 51 12.95 -13.90 6.64
CA ASP A 51 12.20 -13.35 5.53
C ASP A 51 11.85 -11.88 5.80
N LEU A 52 12.85 -11.12 6.24
CA LEU A 52 12.66 -9.72 6.58
C LEU A 52 12.21 -8.90 5.37
N TYR A 53 12.44 -9.40 4.16
CA TYR A 53 12.10 -8.65 2.97
C TYR A 53 10.65 -8.80 2.55
N VAL A 54 9.88 -9.65 3.22
CA VAL A 54 8.45 -9.80 2.94
C VAL A 54 7.69 -9.28 4.15
N TRP A 55 6.90 -8.23 3.96
CA TRP A 55 6.04 -7.71 5.01
C TRP A 55 4.58 -7.85 4.60
N ASN A 56 3.74 -8.16 5.58
CA ASN A 56 2.30 -8.12 5.37
C ASN A 56 1.72 -6.95 6.16
N ALA A 57 0.71 -6.30 5.60
CA ALA A 57 0.13 -5.14 6.23
C ALA A 57 -1.36 -5.11 6.00
N THR A 58 -2.07 -4.37 6.85
CA THR A 58 -3.46 -4.06 6.59
C THR A 58 -3.65 -2.56 6.71
N ILE A 59 -4.62 -2.04 5.96
CA ILE A 59 -5.08 -0.68 6.10
C ILE A 59 -6.59 -0.71 6.26
N THR A 60 -7.11 0.17 7.10
CA THR A 60 -8.53 0.27 7.32
C THR A 60 -9.05 1.53 6.65
N GLY A 61 -10.21 1.41 6.00
CA GLY A 61 -10.79 2.54 5.31
C GLY A 61 -11.00 3.72 6.24
N PRO A 62 -10.45 4.87 5.87
CA PRO A 62 -10.50 6.03 6.76
C PRO A 62 -11.92 6.53 6.99
N MET A 63 -12.11 7.13 8.15
CA MET A 63 -13.31 7.90 8.42
C MET A 63 -13.49 8.96 7.36
N ASP A 64 -14.73 9.09 6.89
CA ASP A 64 -15.17 10.08 5.91
C ASP A 64 -14.75 9.70 4.50
N SER A 65 -14.30 8.46 4.28
CA SER A 65 -14.04 7.94 2.95
C SER A 65 -15.12 6.96 2.57
N ILE A 66 -15.23 6.68 1.26
CA ILE A 66 -16.23 5.73 0.81
C ILE A 66 -15.88 4.31 1.23
N TRP A 67 -14.63 4.05 1.62
CA TRP A 67 -14.18 2.75 2.11
C TRP A 67 -14.22 2.67 3.63
N GLU A 68 -14.89 3.60 4.30
N GLU A 68 -14.89 3.60 4.30
CA GLU A 68 -14.87 3.72 5.76
CA GLU A 68 -14.84 3.72 5.76
C GLU A 68 -15.07 2.37 6.44
C GLU A 68 -15.08 2.39 6.46
N GLY A 69 -14.12 2.00 7.30
CA GLY A 69 -14.22 0.79 8.08
C GLY A 69 -13.85 -0.50 7.37
N GLY A 70 -13.80 -0.51 6.03
CA GLY A 70 -13.34 -1.69 5.34
C GLY A 70 -11.88 -1.99 5.67
N ILE A 71 -11.52 -3.26 5.58
CA ILE A 71 -10.17 -3.72 5.89
C ILE A 71 -9.56 -4.28 4.61
N PHE A 72 -8.32 -3.88 4.32
CA PHE A 72 -7.66 -4.23 3.08
C PHE A 72 -6.28 -4.77 3.41
N PHE A 73 -5.85 -5.76 2.63
CA PHE A 73 -4.69 -6.58 2.95
C PHE A 73 -3.62 -6.42 1.89
N LEU A 74 -2.38 -6.18 2.34
CA LEU A 74 -1.25 -5.85 1.49
C LEU A 74 -0.08 -6.77 1.75
N ARG A 75 0.76 -6.95 0.73
CA ARG A 75 2.09 -7.52 0.89
C ARG A 75 3.11 -6.59 0.25
N LEU A 76 4.22 -6.36 0.94
CA LEU A 76 5.32 -5.53 0.48
C LEU A 76 6.54 -6.43 0.36
N THR A 77 7.12 -6.52 -0.83
CA THR A 77 8.29 -7.36 -1.04
C THR A 77 9.46 -6.45 -1.38
N PHE A 78 10.40 -6.33 -0.45
CA PHE A 78 11.50 -5.39 -0.58
C PHE A 78 12.65 -6.03 -1.33
N PRO A 79 13.26 -5.30 -2.26
CA PRO A 79 14.41 -5.83 -2.97
C PRO A 79 15.67 -5.77 -2.12
N GLU A 80 16.68 -6.53 -2.54
CA GLU A 80 17.92 -6.62 -1.78
C GLU A 80 18.68 -5.32 -1.72
N ASP A 81 18.45 -4.41 -2.67
CA ASP A 81 19.10 -3.11 -2.65
C ASP A 81 18.21 -2.00 -2.10
N TYR A 82 17.15 -2.36 -1.36
CA TYR A 82 16.42 -1.37 -0.58
C TYR A 82 17.41 -0.59 0.29
N PRO A 83 17.29 0.74 0.40
CA PRO A 83 16.22 1.63 -0.07
C PRO A 83 16.55 2.33 -1.40
N THR A 84 17.50 1.79 -2.17
CA THR A 84 17.74 2.36 -3.49
C THR A 84 16.53 2.17 -4.39
N LYS A 85 15.81 1.07 -4.19
CA LYS A 85 14.59 0.74 -4.93
C LYS A 85 13.45 0.49 -3.95
N PRO A 86 12.23 0.76 -4.37
CA PRO A 86 11.05 0.55 -3.51
C PRO A 86 10.65 -0.92 -3.46
N PRO A 87 9.86 -1.30 -2.47
CA PRO A 87 9.26 -2.64 -2.49
C PRO A 87 8.23 -2.74 -3.61
N LYS A 88 7.99 -3.99 -4.03
CA LYS A 88 6.81 -4.32 -4.82
C LYS A 88 5.62 -4.38 -3.87
N VAL A 89 4.53 -3.69 -4.20
CA VAL A 89 3.39 -3.59 -3.30
C VAL A 89 2.17 -4.17 -3.99
N LYS A 90 1.51 -5.13 -3.33
CA LYS A 90 0.31 -5.75 -3.90
C LYS A 90 -0.75 -5.89 -2.81
N PHE A 91 -2.00 -5.61 -3.18
CA PHE A 91 -3.12 -6.05 -2.37
C PHE A 91 -3.29 -7.56 -2.54
N THR A 92 -3.34 -8.28 -1.42
CA THR A 92 -3.45 -9.73 -1.46
C THR A 92 -4.89 -10.22 -1.28
N SER A 93 -5.81 -9.32 -0.96
CA SER A 93 -7.23 -9.58 -1.09
C SER A 93 -7.75 -8.70 -2.22
N LYS A 94 -8.64 -9.25 -3.04
CA LYS A 94 -9.14 -8.52 -4.19
C LYS A 94 -9.75 -7.20 -3.76
N ILE A 95 -9.53 -6.16 -4.56
CA ILE A 95 -10.03 -4.83 -4.26
C ILE A 95 -10.49 -4.24 -5.58
N PHE A 96 -11.53 -3.39 -5.52
CA PHE A 96 -12.04 -2.64 -6.67
C PHE A 96 -11.74 -1.17 -6.41
N HIS A 97 -10.63 -0.68 -6.99
CA HIS A 97 -10.11 0.64 -6.64
C HIS A 97 -9.47 1.28 -7.86
N PRO A 98 -9.66 2.59 -8.06
CA PRO A 98 -9.10 3.22 -9.27
C PRO A 98 -7.61 3.04 -9.47
N ASN A 99 -6.82 2.84 -8.41
CA ASN A 99 -5.37 2.86 -8.52
C ASN A 99 -4.75 1.49 -8.26
N VAL A 100 -5.51 0.42 -8.47
CA VAL A 100 -5.01 -0.94 -8.28
C VAL A 100 -5.27 -1.75 -9.55
N TYR A 101 -4.24 -2.42 -10.05
CA TYR A 101 -4.31 -3.26 -11.23
C TYR A 101 -4.93 -4.62 -10.90
N LYS A 102 -5.18 -5.39 -11.97
CA LYS A 102 -5.86 -6.67 -11.84
C LYS A 102 -5.11 -7.64 -10.94
N ASP A 103 -3.76 -7.62 -10.99
CA ASP A 103 -2.98 -8.55 -10.17
C ASP A 103 -2.75 -8.05 -8.76
N GLY A 104 -3.39 -6.94 -8.38
CA GLY A 104 -3.24 -6.39 -7.06
C GLY A 104 -2.15 -5.36 -6.92
N SER A 105 -1.29 -5.20 -7.93
CA SER A 105 -0.25 -4.19 -7.88
CA SER A 105 -0.25 -4.19 -7.83
C SER A 105 -0.86 -2.80 -7.81
N ILE A 106 -0.17 -1.89 -7.16
CA ILE A 106 -0.63 -0.53 -6.93
CA ILE A 106 -0.72 -0.55 -7.02
C ILE A 106 -0.06 0.40 -8.01
N CSA A 107 -0.76 1.49 -8.29
CA CSA A 107 -0.24 2.53 -9.12
CB CSA A 107 -1.08 2.86 -10.35
C CSA A 107 -0.17 3.75 -8.19
SG CSA A 107 -0.37 4.12 -11.35
C3 CSA A 107 -1.72 4.65 -12.34
C2 CSA A 107 -2.78 5.27 -11.47
O4 CSA A 107 -3.76 4.62 -11.09
C1 CSA A 107 -2.55 6.69 -11.08
O CSA A 107 -1.16 4.35 -7.79
N LEU A 108 1.07 4.08 -7.83
CA LEU A 108 1.36 5.12 -6.84
C LEU A 108 2.78 5.64 -7.04
N ASP A 109 2.92 6.89 -7.48
CA ASP A 109 4.25 7.36 -7.89
C ASP A 109 5.26 7.31 -6.76
N ILE A 110 4.80 7.49 -5.51
CA ILE A 110 5.69 7.45 -4.35
C ILE A 110 6.48 6.15 -4.26
N VAL A 111 5.90 5.02 -4.69
CA VAL A 111 6.62 3.75 -4.64
C VAL A 111 6.98 3.28 -6.05
N GLN A 112 6.93 4.18 -7.02
CA GLN A 112 7.30 3.85 -8.39
C GLN A 112 8.30 4.89 -8.86
N ASP A 113 7.95 5.71 -9.87
CA ASP A 113 8.97 6.57 -10.47
C ASP A 113 9.46 7.65 -9.52
N LYS A 114 8.67 8.05 -8.53
CA LYS A 114 9.06 9.11 -7.62
C LYS A 114 9.58 8.57 -6.28
N TRP A 115 9.92 7.29 -6.22
CA TRP A 115 10.56 6.74 -5.04
C TRP A 115 11.77 7.58 -4.63
N SER A 116 11.91 7.81 -3.32
CA SER A 116 13.05 8.48 -2.72
C SER A 116 13.77 7.52 -1.79
N PRO A 117 15.10 7.49 -1.81
CA PRO A 117 15.82 6.56 -0.93
C PRO A 117 15.80 6.94 0.55
N ILE A 118 15.15 8.04 0.93
CA ILE A 118 14.93 8.29 2.35
C ILE A 118 13.51 7.99 2.79
N TYR A 119 12.67 7.46 1.90
CA TYR A 119 11.38 6.94 2.33
C TYR A 119 11.54 5.65 3.14
N THR A 120 10.57 5.40 4.03
CA THR A 120 10.61 4.27 4.93
C THR A 120 9.33 3.44 4.79
N VAL A 121 9.29 2.30 5.47
CA VAL A 121 8.05 1.51 5.52
C VAL A 121 6.88 2.39 5.96
N ASP A 122 7.10 3.19 7.00
CA ASP A 122 6.05 4.11 7.44
C ASP A 122 5.63 5.07 6.32
N SER A 123 6.59 5.64 5.58
CA SER A 123 6.27 6.47 4.43
C SER A 123 5.35 5.74 3.47
N ILE A 124 5.70 4.48 3.18
CA ILE A 124 4.98 3.70 2.18
C ILE A 124 3.56 3.42 2.64
N LEU A 125 3.42 2.94 3.88
CA LEU A 125 2.10 2.60 4.39
C LEU A 125 1.21 3.83 4.49
N THR A 126 1.79 4.96 4.92
CA THR A 126 1.03 6.21 4.96
C THR A 126 0.54 6.60 3.57
N SER A 127 1.41 6.43 2.57
CA SER A 127 1.04 6.82 1.20
C SER A 127 -0.01 5.89 0.61
N ILE A 128 0.02 4.61 0.97
CA ILE A 128 -1.00 3.70 0.49
C ILE A 128 -2.34 3.99 1.15
N LEU A 129 -2.31 4.24 2.47
CA LEU A 129 -3.52 4.66 3.16
C LEU A 129 -4.14 5.88 2.50
N SER A 130 -3.32 6.80 1.97
CA SER A 130 -3.86 8.00 1.35
C SER A 130 -4.65 7.71 0.08
N LEU A 131 -4.40 6.56 -0.57
CA LEU A 131 -5.24 6.18 -1.71
C LEU A 131 -6.66 5.81 -1.30
N LEU A 132 -6.87 5.45 -0.03
CA LEU A 132 -8.22 5.27 0.49
C LEU A 132 -8.78 6.55 1.07
N GLU A 133 -7.99 7.60 1.16
CA GLU A 133 -8.54 8.90 1.53
C GLU A 133 -9.04 9.61 0.28
N ASP A 134 -8.24 9.60 -0.78
CA ASP A 134 -8.61 10.22 -2.05
C ASP A 134 -7.99 9.41 -3.18
N PRO A 135 -8.77 8.73 -4.00
CA PRO A 135 -8.19 8.05 -5.16
C PRO A 135 -7.66 9.07 -6.15
N ASN A 136 -6.71 8.61 -6.95
CA ASN A 136 -6.09 9.47 -7.96
C ASN A 136 -6.82 9.27 -9.29
N PRO A 137 -7.47 10.30 -9.84
CA PRO A 137 -8.26 10.12 -11.06
C PRO A 137 -7.45 10.18 -12.35
N ASP A 138 -6.18 10.56 -12.29
CA ASP A 138 -5.38 10.75 -13.50
C ASP A 138 -4.75 9.43 -13.92
N SER A 139 -5.00 9.03 -15.16
CA SER A 139 -4.47 7.80 -15.74
C SER A 139 -4.67 6.57 -14.82
N PRO A 140 -5.91 6.27 -14.45
CA PRO A 140 -6.14 5.23 -13.44
C PRO A 140 -5.81 3.82 -13.93
N ALA A 141 -5.31 3.01 -12.98
CA ALA A 141 -5.04 1.60 -13.24
C ALA A 141 -6.32 0.82 -13.49
N ASN A 142 -7.41 1.22 -12.87
CA ASN A 142 -8.71 0.58 -13.06
C ASN A 142 -9.66 1.66 -13.55
N PRO A 143 -9.78 1.84 -14.86
CA PRO A 143 -10.60 2.95 -15.34
C PRO A 143 -12.07 2.79 -15.02
N GLU A 144 -12.61 1.56 -15.02
CA GLU A 144 -14.02 1.40 -14.65
C GLU A 144 -14.25 1.86 -13.22
N ALA A 145 -13.35 1.51 -12.31
CA ALA A 145 -13.49 1.94 -10.92
C ALA A 145 -13.40 3.46 -10.80
N ALA A 146 -12.49 4.08 -11.56
CA ALA A 146 -12.35 5.53 -11.51
C ALA A 146 -13.62 6.23 -11.99
N LYS A 147 -14.22 5.71 -13.07
CA LYS A 147 -15.44 6.31 -13.60
C LYS A 147 -16.60 6.12 -12.64
N LEU A 148 -16.76 4.91 -12.11
CA LEU A 148 -17.88 4.61 -11.22
C LEU A 148 -17.77 5.38 -9.91
N PHE A 149 -16.55 5.54 -9.40
CA PHE A 149 -16.35 6.30 -8.16
C PHE A 149 -16.99 7.67 -8.26
N VAL A 150 -16.82 8.33 -9.41
CA VAL A 150 -17.37 9.67 -9.60
C VAL A 150 -18.85 9.62 -10.01
N ASN A 151 -19.21 8.72 -10.93
CA ASN A 151 -20.51 8.76 -11.58
C ASN A 151 -21.62 8.19 -10.70
N ASP A 152 -21.33 7.22 -9.84
CA ASP A 152 -22.36 6.55 -9.07
C ASP A 152 -21.75 6.00 -7.79
N PRO A 153 -21.54 6.85 -6.80
CA PRO A 153 -20.92 6.39 -5.53
C PRO A 153 -21.63 5.23 -4.88
N LYS A 154 -22.96 5.19 -4.93
CA LYS A 154 -23.71 4.07 -4.36
C LYS A 154 -23.33 2.76 -5.04
N GLU A 155 -23.32 2.75 -6.37
CA GLU A 155 -22.94 1.53 -7.08
C GLU A 155 -21.46 1.23 -6.88
N TYR A 156 -20.62 2.26 -6.75
CA TYR A 156 -19.21 1.99 -6.49
C TYR A 156 -19.04 1.24 -5.18
N LYS A 157 -19.77 1.65 -4.14
CA LYS A 157 -19.71 0.96 -2.85
C LYS A 157 -20.14 -0.49 -2.98
N LYS A 158 -21.17 -0.75 -3.79
CA LYS A 158 -21.63 -2.12 -3.98
C LYS A 158 -20.56 -2.97 -4.66
N ARG A 159 -19.89 -2.40 -5.65
CA ARG A 159 -18.83 -3.13 -6.35
C ARG A 159 -17.64 -3.39 -5.45
N VAL A 160 -17.31 -2.45 -4.55
CA VAL A 160 -16.25 -2.68 -3.57
C VAL A 160 -16.61 -3.88 -2.70
N ARG A 161 -17.86 -3.94 -2.25
CA ARG A 161 -18.24 -4.97 -1.28
C ARG A 161 -18.32 -6.35 -1.91
N LYS A 162 -18.74 -6.43 -3.17
CA LYS A 162 -19.00 -7.71 -3.83
C LYS A 162 -17.86 -8.14 -4.76
N CYS A 163 -16.68 -7.58 -4.57
CA CYS A 163 -15.52 -7.88 -5.42
CA CYS A 163 -15.55 -7.89 -5.47
C CYS A 163 -15.14 -9.36 -5.39
MG MG B . 2.74 9.48 10.12
CL CL C . 15.82 -8.75 -4.69
#